data_8S7F
#
_entry.id   8S7F
#
_cell.length_a   79.563
_cell.length_b   52.271
_cell.length_c   86.355
_cell.angle_alpha   90.00
_cell.angle_beta   111.22
_cell.angle_gamma   90.00
#
_symmetry.space_group_name_H-M   'C 1 2 1'
#
loop_
_entity.id
_entity.type
_entity.pdbx_description
1 polymer 'UDP-2,3-diacylglucosamine hydrolase'
2 non-polymer 'MANGANESE (II) ION'
3 non-polymer N-[4-[4-[3,5-bis(chloranyl)phenyl]piperazin-1-yl]sulfonylphenyl]-2-[methyl(methylsulfonyl)amino]benzamide
4 water water
#
_entity_poly.entity_id   1
_entity_poly.type   'polypeptide(L)'
_entity_poly.pdbx_seq_one_letter_code
;MATLFIADLHLCAEEPAITAGFLRFLAGEARKADALYILGDLFEAWIGDDDPNPLHHQMAAAIKAVSDSGVPCYFIHGNR
DFLLGKRFARESGMTLLPEEKVLELYGRRVLIMHGDTLCTDDAGYQAFRAKVHKPWLQTLFLALPLFVRKRIAARMRANS
KEANSSKSLAIMDVNQNAVVSAMEKHQVQWLIHGHTHRPAVHELIANQQTAFRVVLGAWHTEGSMVKVTADDVELIHFPF
HHHHHH
;
_entity_poly.pdbx_strand_id   A
#
# COMPACT_ATOMS: atom_id res chain seq x y z
N ALA A 2 1.95 16.54 -9.63
CA ALA A 2 2.64 15.82 -8.53
C ALA A 2 2.53 14.31 -8.72
N THR A 3 3.43 13.58 -8.05
CA THR A 3 3.32 12.14 -7.90
C THR A 3 2.62 11.86 -6.58
N LEU A 4 1.64 10.94 -6.61
CA LEU A 4 0.78 10.66 -5.47
C LEU A 4 1.08 9.28 -4.90
N PHE A 5 0.92 9.20 -3.57
CA PHE A 5 1.06 7.99 -2.80
C PHE A 5 -0.14 7.85 -1.88
N ILE A 6 -0.76 6.67 -1.90
CA ILE A 6 -1.82 6.30 -0.96
C ILE A 6 -1.55 4.91 -0.43
N ALA A 7 -2.18 4.56 0.69
CA ALA A 7 -2.07 3.23 1.27
C ALA A 7 -3.23 2.99 2.24
N ASP A 8 -3.42 1.72 2.63
CA ASP A 8 -4.24 1.39 3.78
C ASP A 8 -5.69 1.82 3.57
N LEU A 9 -6.19 1.54 2.37
CA LEU A 9 -7.60 1.77 2.10
C LEU A 9 -8.44 0.66 2.72
N HIS A 10 -7.87 -0.56 2.82
CA HIS A 10 -8.57 -1.69 3.45
C HIS A 10 -9.98 -1.83 2.89
N LEU A 11 -10.11 -1.75 1.57
CA LEU A 11 -11.42 -1.79 0.92
C LEU A 11 -12.13 -3.11 1.22
N CYS A 12 -13.44 -3.01 1.44
CA CYS A 12 -14.27 -4.19 1.62
C CYS A 12 -15.74 -3.83 1.36
N ALA A 13 -16.52 -4.86 1.02
CA ALA A 13 -17.94 -4.72 0.73
C ALA A 13 -18.68 -4.04 1.88
N GLU A 14 -18.22 -4.27 3.12
CA GLU A 14 -18.92 -3.83 4.31
C GLU A 14 -18.71 -2.33 4.58
N GLU A 15 -17.81 -1.68 3.84
CA GLU A 15 -17.48 -0.28 4.06
C GLU A 15 -17.61 0.49 2.75
N PRO A 16 -18.83 0.61 2.19
CA PRO A 16 -19.03 1.31 0.92
C PRO A 16 -18.67 2.80 0.88
N ALA A 17 -18.71 3.48 2.04
CA ALA A 17 -18.35 4.89 2.10
C ALA A 17 -16.89 5.08 1.72
N ILE A 18 -16.02 4.16 2.15
CA ILE A 18 -14.60 4.26 1.86
C ILE A 18 -14.37 4.03 0.37
N THR A 19 -15.03 3.00 -0.19
CA THR A 19 -14.98 2.76 -1.62
C THR A 19 -15.41 3.99 -2.42
N ALA A 20 -16.47 4.67 -1.97
CA ALA A 20 -16.96 5.85 -2.67
C ALA A 20 -15.90 6.95 -2.65
N GLY A 21 -15.25 7.10 -1.50
CA GLY A 21 -14.19 8.09 -1.34
C GLY A 21 -13.02 7.79 -2.28
N PHE A 22 -12.69 6.51 -2.40
CA PHE A 22 -11.63 6.07 -3.29
C PHE A 22 -12.01 6.31 -4.75
N LEU A 23 -13.25 6.00 -5.14
CA LEU A 23 -13.67 6.24 -6.51
C LEU A 23 -13.60 7.72 -6.85
N ARG A 24 -13.97 8.60 -5.89
CA ARG A 24 -13.90 10.03 -6.13
C ARG A 24 -12.45 10.45 -6.35
N PHE A 25 -11.55 9.94 -5.49
CA PHE A 25 -10.13 10.20 -5.64
C PHE A 25 -9.62 9.78 -7.01
N LEU A 26 -9.98 8.57 -7.46
CA LEU A 26 -9.49 8.04 -8.74
C LEU A 26 -10.02 8.86 -9.91
N ALA A 27 -11.28 9.31 -9.81
CA ALA A 27 -11.95 10.00 -10.91
C ALA A 27 -11.54 11.46 -11.00
N GLY A 28 -10.92 11.99 -9.94
CA GLY A 28 -10.62 13.41 -9.84
C GLY A 28 -9.13 13.66 -9.66
N GLU A 29 -8.70 13.66 -8.38
CA GLU A 29 -7.34 13.97 -8.00
C GLU A 29 -6.34 13.16 -8.82
N ALA A 30 -6.58 11.85 -8.95
CA ALA A 30 -5.59 10.95 -9.54
C ALA A 30 -5.35 11.29 -11.01
N ARG A 31 -6.35 11.89 -11.68
CA ARG A 31 -6.23 12.14 -13.11
C ARG A 31 -5.25 13.25 -13.40
N LYS A 32 -4.97 14.11 -12.40
CA LYS A 32 -4.09 15.25 -12.56
C LYS A 32 -2.64 14.89 -12.22
N ALA A 33 -2.42 13.69 -11.66
CA ALA A 33 -1.12 13.27 -11.17
C ALA A 33 -0.17 12.86 -12.31
N ASP A 34 1.13 12.86 -12.00
CA ASP A 34 2.16 12.35 -12.87
C ASP A 34 2.17 10.82 -12.82
N ALA A 35 1.89 10.27 -11.63
CA ALA A 35 1.85 8.84 -11.37
C ALA A 35 1.17 8.63 -10.02
N LEU A 36 0.64 7.42 -9.82
CA LEU A 36 -0.03 7.04 -8.59
C LEU A 36 0.59 5.75 -8.06
N TYR A 37 1.05 5.81 -6.80
CA TYR A 37 1.62 4.65 -6.13
C TYR A 37 0.72 4.25 -4.97
N ILE A 38 0.29 2.98 -4.96
CA ILE A 38 -0.52 2.45 -3.89
C ILE A 38 0.34 1.51 -3.06
N LEU A 39 0.66 1.91 -1.82
CA LEU A 39 1.68 1.24 -1.04
C LEU A 39 1.06 0.22 -0.08
N GLY A 40 0.16 -0.64 -0.60
CA GLY A 40 -0.28 -1.81 0.14
C GLY A 40 -1.53 -1.58 0.98
N ASP A 41 -2.19 -2.71 1.30
CA ASP A 41 -3.45 -2.73 2.04
C ASP A 41 -4.47 -1.90 1.26
N LEU A 42 -4.47 -2.10 -0.06
CA LEU A 42 -5.54 -1.59 -0.91
C LEU A 42 -6.84 -2.31 -0.53
N PHE A 43 -6.75 -3.61 -0.29
CA PHE A 43 -7.90 -4.42 0.11
C PHE A 43 -7.71 -4.94 1.53
N GLU A 44 -8.84 -5.18 2.22
CA GLU A 44 -8.86 -5.69 3.58
C GLU A 44 -8.39 -7.14 3.64
N ALA A 45 -8.53 -7.86 2.52
CA ALA A 45 -8.14 -9.25 2.42
C ALA A 45 -7.96 -9.62 0.95
N TRP A 46 -7.16 -10.66 0.71
CA TRP A 46 -7.00 -11.21 -0.63
C TRP A 46 -6.66 -12.69 -0.52
N ILE A 47 -7.48 -13.53 -1.13
CA ILE A 47 -7.22 -14.96 -1.12
C ILE A 47 -6.99 -15.48 -2.54
N GLY A 48 -6.82 -14.57 -3.51
CA GLY A 48 -6.46 -14.94 -4.86
C GLY A 48 -7.22 -14.16 -5.92
N ASP A 49 -6.60 -14.04 -7.10
CA ASP A 49 -7.10 -13.21 -8.18
C ASP A 49 -8.32 -13.86 -8.84
N ASP A 50 -8.57 -15.14 -8.54
CA ASP A 50 -9.72 -15.85 -9.10
C ASP A 50 -10.98 -15.60 -8.28
N ASP A 51 -10.87 -14.76 -7.24
CA ASP A 51 -11.99 -14.45 -6.35
C ASP A 51 -12.99 -13.58 -7.11
N PRO A 52 -14.28 -14.01 -7.25
CA PRO A 52 -15.26 -13.25 -8.03
C PRO A 52 -15.92 -12.08 -7.29
N ASN A 53 -15.46 -11.78 -6.07
CA ASN A 53 -15.89 -10.61 -5.33
C ASN A 53 -16.08 -9.43 -6.29
N PRO A 54 -17.33 -8.92 -6.47
CA PRO A 54 -17.57 -7.84 -7.42
C PRO A 54 -16.78 -6.56 -7.12
N LEU A 55 -16.46 -6.34 -5.84
CA LEU A 55 -15.67 -5.17 -5.47
C LEU A 55 -14.33 -5.19 -6.21
N HIS A 56 -13.75 -6.38 -6.42
CA HIS A 56 -12.43 -6.48 -7.03
C HIS A 56 -12.48 -5.98 -8.48
N HIS A 57 -13.48 -6.42 -9.25
CA HIS A 57 -13.57 -6.00 -10.65
C HIS A 57 -13.94 -4.53 -10.74
N GLN A 58 -14.75 -4.03 -9.79
CA GLN A 58 -15.13 -2.61 -9.79
C GLN A 58 -13.88 -1.76 -9.60
N MET A 59 -13.02 -2.18 -8.67
CA MET A 59 -11.84 -1.42 -8.34
C MET A 59 -10.82 -1.52 -9.46
N ALA A 60 -10.69 -2.71 -10.07
CA ALA A 60 -9.81 -2.91 -11.20
C ALA A 60 -10.16 -1.93 -12.33
N ALA A 61 -11.47 -1.81 -12.64
CA ALA A 61 -11.92 -0.94 -13.71
C ALA A 61 -11.61 0.52 -13.39
N ALA A 62 -11.79 0.92 -12.13
CA ALA A 62 -11.61 2.30 -11.72
C ALA A 62 -10.13 2.68 -11.74
N ILE A 63 -9.27 1.76 -11.31
CA ILE A 63 -7.83 2.01 -11.32
C ILE A 63 -7.31 1.99 -12.76
N LYS A 64 -7.81 1.06 -13.59
CA LYS A 64 -7.39 0.98 -14.98
C LYS A 64 -7.77 2.25 -15.73
N ALA A 65 -8.89 2.88 -15.35
CA ALA A 65 -9.31 4.13 -15.97
C ALA A 65 -8.26 5.21 -15.76
N VAL A 66 -7.59 5.18 -14.59
CA VAL A 66 -6.54 6.15 -14.29
C VAL A 66 -5.36 5.93 -15.23
N SER A 67 -4.85 4.70 -15.35
CA SER A 67 -3.68 4.47 -16.17
C SER A 67 -4.02 4.65 -17.65
N ASP A 68 -5.26 4.33 -18.05
CA ASP A 68 -5.68 4.51 -19.43
C ASP A 68 -5.73 6.00 -19.80
N SER A 69 -5.98 6.86 -18.80
CA SER A 69 -6.01 8.30 -19.01
C SER A 69 -4.60 8.89 -19.10
N GLY A 70 -3.56 8.08 -18.85
CA GLY A 70 -2.17 8.51 -19.02
C GLY A 70 -1.41 8.66 -17.71
N VAL A 71 -1.98 8.16 -16.61
CA VAL A 71 -1.35 8.27 -15.29
C VAL A 71 -0.92 6.87 -14.85
N PRO A 72 0.39 6.53 -14.94
CA PRO A 72 0.86 5.21 -14.56
C PRO A 72 0.56 4.92 -13.09
N CYS A 73 0.11 3.69 -12.82
CA CYS A 73 -0.23 3.26 -11.47
C CYS A 73 0.66 2.09 -11.06
N TYR A 74 1.04 2.08 -9.78
CA TYR A 74 1.97 1.11 -9.25
C TYR A 74 1.46 0.62 -7.90
N PHE A 75 1.86 -0.59 -7.54
CA PHE A 75 1.38 -1.22 -6.32
C PHE A 75 2.52 -1.97 -5.63
N ILE A 76 2.65 -1.74 -4.32
CA ILE A 76 3.43 -2.57 -3.42
C ILE A 76 2.46 -3.24 -2.47
N HIS A 77 2.67 -4.54 -2.23
CA HIS A 77 1.79 -5.35 -1.40
C HIS A 77 1.84 -4.94 0.06
N GLY A 78 0.70 -5.06 0.74
CA GLY A 78 0.64 -4.96 2.18
C GLY A 78 0.52 -6.32 2.84
N ASN A 79 0.35 -6.32 4.17
CA ASN A 79 0.16 -7.56 4.90
C ASN A 79 -1.22 -8.16 4.64
N ARG A 80 -2.20 -7.31 4.27
CA ARG A 80 -3.53 -7.82 4.00
C ARG A 80 -3.63 -8.44 2.62
N ASP A 81 -2.91 -7.90 1.63
CA ASP A 81 -3.20 -8.20 0.23
C ASP A 81 -1.96 -8.70 -0.52
N PHE A 82 -1.09 -9.42 0.18
CA PHE A 82 0.16 -9.92 -0.41
C PHE A 82 -0.11 -10.96 -1.49
N LEU A 83 -1.33 -11.53 -1.56
CA LEU A 83 -1.66 -12.51 -2.59
C LEU A 83 -2.18 -11.86 -3.86
N LEU A 84 -2.31 -10.54 -3.89
CA LEU A 84 -2.69 -9.85 -5.11
C LEU A 84 -1.64 -10.11 -6.18
N GLY A 85 -2.08 -10.59 -7.36
CA GLY A 85 -1.19 -11.22 -8.32
C GLY A 85 -1.18 -10.55 -9.70
N LYS A 86 -0.51 -11.22 -10.65
CA LYS A 86 -0.27 -10.66 -11.97
C LYS A 86 -1.58 -10.48 -12.73
N ARG A 87 -2.56 -11.36 -12.50
CA ARG A 87 -3.85 -11.27 -13.16
C ARG A 87 -4.56 -9.97 -12.76
N PHE A 88 -4.66 -9.72 -11.44
CA PHE A 88 -5.33 -8.51 -11.00
C PHE A 88 -4.55 -7.28 -11.44
N ALA A 89 -3.21 -7.34 -11.39
CA ALA A 89 -2.38 -6.25 -11.85
C ALA A 89 -2.70 -5.91 -13.31
N ARG A 90 -2.88 -6.95 -14.15
CA ARG A 90 -3.22 -6.74 -15.55
C ARG A 90 -4.61 -6.14 -15.68
N GLU A 91 -5.58 -6.68 -14.92
CA GLU A 91 -6.96 -6.24 -14.97
C GLU A 91 -7.10 -4.78 -14.53
N SER A 92 -6.22 -4.34 -13.60
CA SER A 92 -6.29 -3.01 -13.01
C SER A 92 -5.33 -2.04 -13.69
N GLY A 93 -4.49 -2.52 -14.61
CA GLY A 93 -3.50 -1.69 -15.29
C GLY A 93 -2.37 -1.22 -14.38
N MET A 94 -2.10 -1.97 -13.30
CA MET A 94 -1.09 -1.58 -12.32
C MET A 94 0.21 -2.37 -12.55
N THR A 95 1.34 -1.71 -12.32
CA THR A 95 2.63 -2.37 -12.27
C THR A 95 2.96 -2.77 -10.84
N LEU A 96 3.23 -4.06 -10.62
CA LEU A 96 3.64 -4.55 -9.31
C LEU A 96 5.11 -4.22 -9.08
N LEU A 97 5.41 -3.72 -7.88
CA LEU A 97 6.76 -3.36 -7.48
C LEU A 97 7.21 -4.27 -6.34
N PRO A 98 8.52 -4.36 -6.09
CA PRO A 98 9.03 -5.14 -4.95
C PRO A 98 8.67 -4.49 -3.62
N GLU A 99 8.91 -5.23 -2.53
CA GLU A 99 8.48 -4.80 -1.21
C GLU A 99 9.17 -3.51 -0.78
N GLU A 100 10.38 -3.27 -1.30
CA GLU A 100 11.08 -2.02 -1.02
C GLU A 100 11.64 -1.54 -2.35
N LYS A 101 11.44 -0.26 -2.65
CA LYS A 101 11.81 0.29 -3.95
C LYS A 101 12.24 1.74 -3.80
N VAL A 102 13.36 2.08 -4.43
CA VAL A 102 13.79 3.47 -4.49
C VAL A 102 13.30 4.05 -5.82
N LEU A 103 12.59 5.17 -5.71
CA LEU A 103 12.16 5.94 -6.86
C LEU A 103 13.07 7.14 -7.05
N GLU A 104 13.24 7.56 -8.30
CA GLU A 104 13.83 8.84 -8.61
C GLU A 104 12.69 9.77 -8.99
N LEU A 105 12.38 10.73 -8.11
CA LEU A 105 11.25 11.63 -8.29
C LEU A 105 11.78 13.05 -8.34
N TYR A 106 11.82 13.63 -9.54
CA TYR A 106 12.26 15.01 -9.68
C TYR A 106 13.66 15.18 -9.08
N GLY A 107 14.52 14.17 -9.29
CA GLY A 107 15.89 14.24 -8.83
C GLY A 107 16.08 13.77 -7.39
N ARG A 108 14.97 13.56 -6.67
CA ARG A 108 15.02 13.15 -5.27
C ARG A 108 14.86 11.64 -5.19
N ARG A 109 15.79 10.96 -4.52
CA ARG A 109 15.66 9.53 -4.27
C ARG A 109 14.72 9.30 -3.07
N VAL A 110 13.67 8.51 -3.30
CA VAL A 110 12.64 8.27 -2.28
C VAL A 110 12.42 6.76 -2.16
N LEU A 111 12.61 6.22 -0.95
CA LEU A 111 12.33 4.82 -0.68
C LEU A 111 10.85 4.67 -0.36
N ILE A 112 10.20 3.68 -0.98
CA ILE A 112 8.80 3.39 -0.72
C ILE A 112 8.66 1.93 -0.34
N MET A 113 7.68 1.67 0.53
CA MET A 113 7.35 0.34 0.98
C MET A 113 6.02 0.42 1.71
N HIS A 114 5.42 -0.73 2.01
CA HIS A 114 4.19 -0.74 2.79
C HIS A 114 4.49 -0.23 4.21
N GLY A 115 5.58 -0.71 4.82
CA GLY A 115 5.96 -0.28 6.14
C GLY A 115 6.08 -1.41 7.16
N ASP A 116 5.45 -2.56 6.87
CA ASP A 116 5.41 -3.64 7.84
C ASP A 116 6.79 -4.26 8.03
N THR A 117 7.68 -4.15 7.03
CA THR A 117 9.03 -4.68 7.18
C THR A 117 9.82 -3.89 8.23
N LEU A 118 9.35 -2.69 8.59
CA LEU A 118 10.04 -1.88 9.57
C LEU A 118 9.60 -2.21 10.99
N CYS A 119 8.51 -3.00 11.13
CA CYS A 119 7.89 -3.20 12.43
C CYS A 119 8.46 -4.47 13.05
N THR A 120 9.77 -4.41 13.34
CA THR A 120 10.55 -5.60 13.68
C THR A 120 10.33 -6.01 15.13
N ASP A 121 9.62 -5.20 15.92
CA ASP A 121 9.36 -5.51 17.32
C ASP A 121 8.14 -6.43 17.47
N ASP A 122 7.36 -6.61 16.39
CA ASP A 122 6.21 -7.50 16.46
C ASP A 122 6.65 -8.89 15.98
N ALA A 123 7.11 -9.72 16.92
CA ALA A 123 7.67 -11.03 16.59
C ALA A 123 6.60 -11.92 15.96
N GLY A 124 5.38 -11.87 16.49
CA GLY A 124 4.28 -12.67 15.98
C GLY A 124 3.93 -12.30 14.54
N TYR A 125 3.89 -11.00 14.25
CA TYR A 125 3.61 -10.58 12.88
C TYR A 125 4.76 -11.00 11.96
N GLN A 126 6.02 -10.79 12.36
CA GLN A 126 7.13 -11.09 11.47
C GLN A 126 7.23 -12.59 11.16
N ALA A 127 6.86 -13.43 12.12
CA ALA A 127 6.82 -14.88 11.92
C ALA A 127 5.77 -15.23 10.87
N PHE A 128 4.58 -14.62 11.01
CA PHE A 128 3.51 -14.77 10.04
C PHE A 128 3.98 -14.33 8.66
N ARG A 129 4.58 -13.14 8.56
CA ARG A 129 4.98 -12.60 7.28
C ARG A 129 5.97 -13.53 6.58
N ALA A 130 6.92 -14.06 7.36
CA ALA A 130 7.98 -14.89 6.79
C ALA A 130 7.39 -16.14 6.13
N LYS A 131 6.41 -16.76 6.80
CA LYS A 131 5.77 -17.98 6.31
C LYS A 131 4.93 -17.70 5.06
N VAL A 132 4.05 -16.69 5.11
CA VAL A 132 3.12 -16.48 4.01
C VAL A 132 3.81 -15.85 2.80
N HIS A 133 5.07 -15.41 2.95
CA HIS A 133 5.81 -14.89 1.80
C HIS A 133 6.59 -16.00 1.07
N LYS A 134 6.60 -17.22 1.62
CA LYS A 134 7.23 -18.35 0.94
C LYS A 134 6.44 -18.66 -0.34
N PRO A 135 7.05 -18.51 -1.54
CA PRO A 135 6.32 -18.74 -2.79
C PRO A 135 5.65 -20.11 -2.85
N TRP A 136 6.30 -21.15 -2.32
CA TRP A 136 5.76 -22.50 -2.40
C TRP A 136 4.46 -22.60 -1.60
N LEU A 137 4.37 -21.85 -0.48
CA LEU A 137 3.17 -21.91 0.36
C LEU A 137 2.05 -21.10 -0.30
N GLN A 138 2.38 -19.96 -0.91
CA GLN A 138 1.40 -19.17 -1.64
C GLN A 138 0.78 -20.03 -2.75
N THR A 139 1.64 -20.73 -3.50
CA THR A 139 1.21 -21.54 -4.63
C THR A 139 0.26 -22.64 -4.16
N LEU A 140 0.59 -23.27 -3.02
CA LEU A 140 -0.22 -24.34 -2.46
C LEU A 140 -1.57 -23.78 -1.98
N PHE A 141 -1.54 -22.66 -1.24
CA PHE A 141 -2.76 -22.04 -0.77
C PHE A 141 -3.70 -21.71 -1.93
N LEU A 142 -3.15 -21.11 -2.99
CA LEU A 142 -3.94 -20.66 -4.14
C LEU A 142 -4.56 -21.85 -4.88
N ALA A 143 -4.01 -23.04 -4.66
CA ALA A 143 -4.48 -24.25 -5.31
C ALA A 143 -5.64 -24.89 -4.55
N LEU A 144 -5.93 -24.40 -3.34
CA LEU A 144 -7.08 -24.87 -2.59
C LEU A 144 -8.36 -24.40 -3.27
N PRO A 145 -9.52 -25.08 -3.05
CA PRO A 145 -10.79 -24.56 -3.54
C PRO A 145 -11.06 -23.19 -2.92
N LEU A 146 -11.69 -22.31 -3.69
CA LEU A 146 -12.02 -20.96 -3.25
C LEU A 146 -12.77 -21.00 -1.92
N PHE A 147 -13.75 -21.91 -1.79
CA PHE A 147 -14.58 -21.97 -0.60
C PHE A 147 -13.74 -22.35 0.62
N VAL A 148 -12.67 -23.14 0.42
CA VAL A 148 -11.79 -23.52 1.52
C VAL A 148 -10.91 -22.34 1.91
N ARG A 149 -10.41 -21.60 0.92
CA ARG A 149 -9.58 -20.43 1.18
C ARG A 149 -10.36 -19.40 2.01
N LYS A 150 -11.66 -19.26 1.72
CA LYS A 150 -12.52 -18.35 2.46
C LYS A 150 -12.67 -18.79 3.92
N ARG A 151 -12.83 -20.10 4.15
CA ARG A 151 -12.97 -20.63 5.49
C ARG A 151 -11.69 -20.38 6.30
N ILE A 152 -10.53 -20.56 5.65
CA ILE A 152 -9.25 -20.30 6.29
C ILE A 152 -9.16 -18.81 6.62
N ALA A 153 -9.55 -17.97 5.66
CA ALA A 153 -9.43 -16.52 5.78
C ALA A 153 -10.26 -16.03 6.96
N ALA A 154 -11.52 -16.46 7.02
CA ALA A 154 -12.44 -16.05 8.09
C ALA A 154 -11.78 -16.27 9.46
N ARG A 155 -11.25 -17.48 9.67
CA ARG A 155 -10.60 -17.83 10.92
C ARG A 155 -9.35 -16.98 11.16
N MET A 156 -8.56 -16.75 10.09
CA MET A 156 -7.31 -16.02 10.20
C MET A 156 -7.56 -14.54 10.46
N ARG A 157 -8.64 -14.00 9.88
CA ARG A 157 -9.03 -12.61 10.09
C ARG A 157 -9.57 -12.44 11.51
N ALA A 158 -10.34 -13.43 11.97
CA ALA A 158 -10.78 -13.49 13.36
C ALA A 158 -9.57 -13.60 14.27
N ASN A 159 -8.60 -14.43 13.86
CA ASN A 159 -7.33 -14.59 14.55
C ASN A 159 -6.47 -13.34 14.32
N ALA A 170 -4.61 -3.80 17.42
CA ALA A 170 -3.59 -2.74 17.41
C ALA A 170 -2.42 -3.16 16.50
N ILE A 171 -1.96 -2.21 15.67
CA ILE A 171 -0.84 -2.44 14.77
C ILE A 171 0.41 -1.85 15.42
N MET A 172 1.45 -2.68 15.56
CA MET A 172 2.72 -2.27 16.13
C MET A 172 3.36 -1.23 15.22
N ASP A 173 3.87 -0.14 15.82
CA ASP A 173 4.53 0.92 15.07
C ASP A 173 5.92 0.42 14.64
N VAL A 174 6.58 1.22 13.79
CA VAL A 174 7.90 0.90 13.28
C VAL A 174 8.93 0.88 14.42
N ASN A 175 10.02 0.16 14.15
CA ASN A 175 11.23 0.24 14.92
C ASN A 175 12.13 1.32 14.30
N GLN A 176 12.54 2.30 15.11
CA GLN A 176 13.25 3.46 14.58
C GLN A 176 14.61 3.07 14.03
N ASN A 177 15.26 2.08 14.64
CA ASN A 177 16.53 1.57 14.11
C ASN A 177 16.31 0.91 12.75
N ALA A 178 15.20 0.17 12.60
CA ALA A 178 14.89 -0.45 11.32
C ALA A 178 14.74 0.63 10.25
N VAL A 179 14.13 1.76 10.61
CA VAL A 179 13.98 2.89 9.69
C VAL A 179 15.35 3.35 9.21
N VAL A 180 16.26 3.66 10.15
CA VAL A 180 17.56 4.19 9.78
C VAL A 180 18.30 3.16 8.95
N SER A 181 18.24 1.88 9.38
CA SER A 181 18.90 0.79 8.67
C SER A 181 18.47 0.77 7.19
N ALA A 182 17.16 0.83 6.96
CA ALA A 182 16.60 0.75 5.60
C ALA A 182 17.04 1.96 4.77
N MET A 183 17.04 3.15 5.40
CA MET A 183 17.36 4.35 4.65
C MET A 183 18.85 4.41 4.34
N GLU A 184 19.68 3.77 5.18
CA GLU A 184 21.11 3.67 4.91
C GLU A 184 21.38 2.59 3.88
N LYS A 185 20.67 1.46 3.96
CA LYS A 185 20.78 0.40 2.97
C LYS A 185 20.51 0.94 1.57
N HIS A 186 19.45 1.75 1.45
CA HIS A 186 19.00 2.24 0.16
C HIS A 186 19.61 3.59 -0.19
N GLN A 187 20.37 4.20 0.74
CA GLN A 187 21.06 5.46 0.50
C GLN A 187 20.07 6.55 0.11
N VAL A 188 19.06 6.76 0.96
CA VAL A 188 18.05 7.77 0.73
C VAL A 188 17.93 8.66 1.97
N GLN A 189 17.41 9.87 1.76
CA GLN A 189 17.05 10.79 2.83
C GLN A 189 15.53 10.94 2.94
N TRP A 190 14.79 10.20 2.10
CA TRP A 190 13.33 10.24 2.09
C TRP A 190 12.75 8.84 2.06
N LEU A 191 11.72 8.62 2.87
CA LEU A 191 10.99 7.35 2.96
C LEU A 191 9.50 7.65 3.08
N ILE A 192 8.68 6.98 2.26
CA ILE A 192 7.23 7.05 2.38
C ILE A 192 6.72 5.63 2.62
N HIS A 193 5.86 5.47 3.64
CA HIS A 193 5.25 4.18 3.88
C HIS A 193 3.88 4.37 4.53
N GLY A 194 3.16 3.25 4.66
CA GLY A 194 1.91 3.19 5.39
C GLY A 194 1.98 2.17 6.52
N HIS A 195 0.98 1.28 6.55
CA HIS A 195 0.90 0.13 7.46
C HIS A 195 0.55 0.52 8.90
N THR A 196 1.24 1.50 9.48
CA THR A 196 1.11 1.74 10.92
C THR A 196 -0.15 2.54 11.28
N HIS A 197 -0.81 3.13 10.28
CA HIS A 197 -2.04 3.89 10.50
C HIS A 197 -1.81 5.08 11.43
N ARG A 198 -0.59 5.63 11.38
CA ARG A 198 -0.20 6.77 12.18
C ARG A 198 0.31 7.86 11.24
N PRO A 199 -0.59 8.53 10.51
CA PRO A 199 -0.15 9.50 9.52
C PRO A 199 0.63 10.62 10.20
N ALA A 200 1.80 10.94 9.64
CA ALA A 200 2.69 11.91 10.26
C ALA A 200 3.88 12.17 9.34
N VAL A 201 4.53 13.31 9.58
CA VAL A 201 5.82 13.63 9.00
C VAL A 201 6.85 13.58 10.14
N HIS A 202 7.95 12.85 9.92
CA HIS A 202 8.99 12.70 10.90
C HIS A 202 10.32 13.18 10.33
N GLU A 203 11.10 13.88 11.15
CA GLU A 203 12.48 14.20 10.83
C GLU A 203 13.39 13.30 11.65
N LEU A 204 14.46 12.84 11.02
CA LEU A 204 15.40 11.95 11.65
C LEU A 204 16.76 12.15 11.01
N ILE A 205 17.72 11.27 11.35
CA ILE A 205 19.04 11.27 10.76
C ILE A 205 19.30 9.90 10.14
N ALA A 206 19.74 9.91 8.89
CA ALA A 206 20.20 8.73 8.17
C ALA A 206 21.34 9.15 7.26
N ASN A 207 22.37 8.30 7.14
CA ASN A 207 23.54 8.63 6.34
C ASN A 207 24.18 9.91 6.86
N GLN A 208 24.07 10.14 8.18
CA GLN A 208 24.62 11.28 8.89
C GLN A 208 24.16 12.60 8.26
N GLN A 209 22.92 12.60 7.76
CA GLN A 209 22.31 13.77 7.16
C GLN A 209 20.85 13.79 7.58
N THR A 210 20.24 14.97 7.51
CA THR A 210 18.82 15.10 7.79
C THR A 210 18.03 14.19 6.85
N ALA A 211 17.05 13.49 7.43
CA ALA A 211 16.20 12.59 6.67
C ALA A 211 14.76 12.77 7.12
N PHE A 212 13.84 12.33 6.27
CA PHE A 212 12.41 12.49 6.51
C PHE A 212 11.68 11.19 6.21
N ARG A 213 10.73 10.85 7.10
CA ARG A 213 9.87 9.69 6.93
C ARG A 213 8.44 10.19 6.95
N VAL A 214 7.71 9.94 5.86
CA VAL A 214 6.35 10.44 5.71
C VAL A 214 5.41 9.26 5.69
N VAL A 215 4.45 9.26 6.62
CA VAL A 215 3.60 8.10 6.87
C VAL A 215 2.17 8.43 6.49
N LEU A 216 1.60 7.58 5.64
CA LEU A 216 0.21 7.66 5.23
C LEU A 216 -0.69 7.13 6.33
N GLY A 217 -1.97 7.47 6.21
CA GLY A 217 -2.98 6.99 7.15
C GLY A 217 -3.93 6.01 6.47
N ALA A 218 -4.71 5.31 7.31
CA ALA A 218 -5.75 4.43 6.82
C ALA A 218 -6.96 5.25 6.38
N TRP A 219 -7.75 4.68 5.48
CA TRP A 219 -8.94 5.36 4.98
C TRP A 219 -10.13 4.91 5.83
N HIS A 220 -10.84 5.87 6.42
CA HIS A 220 -12.03 5.55 7.22
C HIS A 220 -12.96 6.76 7.23
N THR A 221 -12.73 7.67 8.18
CA THR A 221 -13.43 8.96 8.17
C THR A 221 -12.75 9.86 7.14
N GLU A 222 -11.44 9.64 6.96
CA GLU A 222 -10.67 10.45 6.05
C GLU A 222 -9.93 9.56 5.05
N GLY A 223 -9.52 10.19 3.97
CA GLY A 223 -8.42 9.68 3.15
C GLY A 223 -7.15 10.49 3.42
N SER A 224 -6.04 9.94 2.92
CA SER A 224 -4.79 10.67 2.98
C SER A 224 -3.96 10.30 1.76
N MET A 225 -3.06 11.22 1.38
CA MET A 225 -2.13 10.98 0.30
C MET A 225 -0.86 11.76 0.60
N VAL A 226 0.23 11.35 -0.05
CA VAL A 226 1.43 12.14 -0.11
C VAL A 226 1.60 12.64 -1.54
N LYS A 227 1.88 13.93 -1.66
CA LYS A 227 2.15 14.57 -2.93
C LYS A 227 3.62 14.97 -2.98
N VAL A 228 4.30 14.53 -4.03
CA VAL A 228 5.68 14.88 -4.24
C VAL A 228 5.77 15.66 -5.55
N THR A 229 6.40 16.82 -5.48
CA THR A 229 6.80 17.61 -6.64
C THR A 229 8.30 17.88 -6.54
N ALA A 230 8.87 18.64 -7.49
CA ALA A 230 10.28 18.96 -7.39
C ALA A 230 10.59 19.69 -6.08
N ASP A 231 9.70 20.60 -5.67
CA ASP A 231 10.05 21.50 -4.57
C ASP A 231 9.30 21.15 -3.29
N ASP A 232 8.28 20.31 -3.34
CA ASP A 232 7.45 20.09 -2.17
C ASP A 232 7.19 18.60 -1.93
N VAL A 233 7.10 18.25 -0.65
CA VAL A 233 6.60 16.96 -0.21
C VAL A 233 5.54 17.25 0.85
N GLU A 234 4.32 16.78 0.61
CA GLU A 234 3.19 17.13 1.45
C GLU A 234 2.44 15.88 1.83
N LEU A 235 2.08 15.78 3.12
CA LEU A 235 1.12 14.78 3.59
C LEU A 235 -0.22 15.47 3.77
N ILE A 236 -1.25 14.93 3.10
CA ILE A 236 -2.55 15.59 3.00
C ILE A 236 -3.63 14.65 3.52
N HIS A 237 -4.45 15.17 4.44
CA HIS A 237 -5.64 14.46 4.87
C HIS A 237 -6.88 15.17 4.33
N PHE A 238 -7.89 14.40 3.96
CA PHE A 238 -9.14 14.97 3.50
C PHE A 238 -10.29 14.16 4.06
N PRO A 239 -11.32 14.82 4.63
CA PRO A 239 -12.51 14.11 5.10
C PRO A 239 -13.33 13.63 3.91
N PHE A 240 -14.16 12.61 4.12
CA PHE A 240 -15.15 12.21 3.14
C PHE A 240 -16.41 13.03 3.37
N HIS A 241 -16.47 14.20 2.73
CA HIS A 241 -17.52 15.18 2.99
C HIS A 241 -18.45 15.36 1.80
N HIS A 242 -18.19 14.66 0.69
CA HIS A 242 -19.11 14.68 -0.44
C HIS A 242 -20.10 13.52 -0.32
#